data_3U3N
#
_entry.id   3U3N
#
_cell.length_a   69.598
_cell.length_b   69.598
_cell.length_c   86.132
_cell.angle_alpha   90.00
_cell.angle_beta   90.00
_cell.angle_gamma   120.00
#
_symmetry.space_group_name_H-M   'P 31 2 1'
#
loop_
_entity.id
_entity.type
_entity.pdbx_description
1 polymer 'Tablysin 15'
2 non-polymer 'PRASEODYMIUM ION'
3 non-polymer 'CITRIC ACID'
4 non-polymer 'PALMITIC ACID'
5 water water
#
_entity_poly.entity_id   1
_entity_poly.type   'polypeptide(L)'
_entity_poly.pdbx_seq_one_letter_code
;MVNYCRLPCRGDNYHVGCGEPAYAQECGQSPRTRELLKEHRNEILSKINDVRDHVAKGSWGLPVAARMKVVVWDAELAGL
AKRHTKGCVGETHACRNTERFWLPGQLNFKYSGDKLPRIKELIDDAVKKGHLQKHNITREIIENYRENGPNGDVKELALA
ISDRVTAVGCGLTTWEDGAKARALLTCNFSSQNTRGRPVYKIGNSPGEKCIEKDETYKNLCSATEPIDPNKSN
;
_entity_poly.pdbx_strand_id   C
#
loop_
_chem_comp.id
_chem_comp.type
_chem_comp.name
_chem_comp.formula
CIT non-polymer 'CITRIC ACID' 'C6 H8 O7'
PLM non-polymer 'PALMITIC ACID' 'C16 H32 O2'
PR non-polymer 'PRASEODYMIUM ION' 'Pr 3'
#
# COMPACT_ATOMS: atom_id res chain seq x y z
N VAL A 2 7.88 5.64 -18.47
CA VAL A 2 7.22 5.11 -19.66
C VAL A 2 5.98 5.92 -20.03
N ASN A 3 5.57 5.79 -21.28
CA ASN A 3 4.29 6.33 -21.73
C ASN A 3 3.23 5.28 -21.41
N TYR A 4 2.39 5.58 -20.43
CA TYR A 4 1.48 4.58 -19.89
C TYR A 4 0.43 4.22 -20.92
N CYS A 5 0.21 5.11 -21.89
CA CYS A 5 -0.72 4.81 -22.98
C CYS A 5 -0.22 3.68 -23.85
N ARG A 6 1.06 3.35 -23.72
CA ARG A 6 1.65 2.30 -24.56
C ARG A 6 2.18 1.14 -23.74
N LEU A 7 1.72 1.05 -22.50
CA LEU A 7 2.04 -0.09 -21.65
C LEU A 7 0.78 -0.90 -21.47
N PRO A 8 0.66 -2.01 -22.20
CA PRO A 8 -0.62 -2.72 -22.08
C PRO A 8 -0.73 -3.52 -20.80
N CYS A 9 -1.92 -4.07 -20.55
CA CYS A 9 -2.13 -4.91 -19.38
C CYS A 9 -3.11 -6.02 -19.75
N ARG A 10 -3.03 -7.13 -19.03
CA ARG A 10 -3.93 -8.23 -19.31
C ARG A 10 -5.31 -7.79 -18.85
N GLY A 11 -6.32 -8.02 -19.70
CA GLY A 11 -7.66 -7.50 -19.46
C GLY A 11 -7.94 -6.26 -20.31
N ASP A 12 -6.88 -5.63 -20.80
CA ASP A 12 -6.99 -4.51 -21.74
CA ASP A 12 -7.00 -4.53 -21.74
C ASP A 12 -7.82 -3.35 -21.19
N ASN A 13 -7.61 -3.02 -19.92
CA ASN A 13 -8.25 -1.83 -19.36
C ASN A 13 -7.35 -0.61 -19.53
N TYR A 14 -7.96 0.59 -19.53
CA TYR A 14 -7.16 1.80 -19.65
C TYR A 14 -6.22 1.86 -18.46
N HIS A 15 -5.08 2.52 -18.68
CA HIS A 15 -4.10 2.70 -17.62
C HIS A 15 -4.37 4.02 -16.90
N VAL A 16 -4.32 3.98 -15.58
CA VAL A 16 -4.61 5.17 -14.77
C VAL A 16 -3.70 6.36 -15.12
N GLY A 17 -2.50 6.07 -15.63
CA GLY A 17 -1.56 7.12 -15.97
C GLY A 17 -1.63 7.67 -17.39
N CYS A 18 -2.49 7.10 -18.21
CA CYS A 18 -2.59 7.51 -19.60
C CYS A 18 -3.45 8.75 -19.76
N GLY A 19 -2.92 9.75 -20.46
CA GLY A 19 -3.69 10.95 -20.77
C GLY A 19 -3.48 12.02 -19.73
N GLU A 20 -4.07 13.19 -19.98
CA GLU A 20 -3.91 14.31 -19.08
C GLU A 20 -4.78 14.14 -17.83
N PRO A 21 -4.23 14.52 -16.68
CA PRO A 21 -4.97 14.44 -15.42
C PRO A 21 -6.19 15.36 -15.42
N ALA A 22 -7.25 14.88 -14.80
CA ALA A 22 -8.46 15.66 -14.62
C ALA A 22 -9.18 15.20 -13.37
N TYR A 23 -9.93 16.09 -12.74
CA TYR A 23 -10.78 15.67 -11.64
C TYR A 23 -12.07 15.10 -12.19
N ALA A 24 -12.47 13.95 -11.67
CA ALA A 24 -13.77 13.34 -12.00
C ALA A 24 -14.95 14.22 -11.58
N GLN A 25 -16.04 14.15 -12.33
CA GLN A 25 -17.23 14.87 -11.95
C GLN A 25 -17.66 14.41 -10.55
N GLU A 26 -17.44 13.13 -10.24
CA GLU A 26 -17.82 12.58 -8.95
C GLU A 26 -17.10 13.27 -7.77
N CYS A 27 -16.08 14.08 -8.07
CA CYS A 27 -15.37 14.84 -7.05
C CYS A 27 -16.13 16.07 -6.63
N GLY A 28 -17.23 16.35 -7.31
CA GLY A 28 -17.94 17.59 -7.10
C GLY A 28 -17.09 18.72 -7.64
N GLN A 29 -17.40 19.95 -7.28
CA GLN A 29 -16.80 21.10 -7.94
C GLN A 29 -15.71 21.79 -7.12
N SER A 30 -15.27 21.18 -6.03
CA SER A 30 -14.22 21.77 -5.20
C SER A 30 -13.10 20.78 -4.85
N PRO A 31 -12.68 19.95 -5.80
CA PRO A 31 -11.62 19.00 -5.44
C PRO A 31 -10.25 19.65 -5.38
N ARG A 32 -9.38 19.12 -4.54
CA ARG A 32 -7.99 19.53 -4.54
C ARG A 32 -7.06 18.38 -4.24
N THR A 33 -6.21 18.04 -5.19
CA THR A 33 -5.13 17.09 -4.93
C THR A 33 -4.12 17.71 -3.96
N ARG A 34 -3.67 16.90 -3.00
CA ARG A 34 -2.85 17.39 -1.90
C ARG A 34 -1.45 16.79 -1.95
N GLU A 35 -0.43 17.63 -1.90
CA GLU A 35 0.94 17.11 -1.99
C GLU A 35 1.37 16.43 -0.69
N LEU A 36 1.78 15.18 -0.81
CA LEU A 36 2.39 14.47 0.31
C LEU A 36 3.88 14.83 0.37
N LEU A 37 4.22 15.64 1.37
CA LEU A 37 5.58 16.14 1.52
C LEU A 37 6.46 15.14 2.24
N LYS A 38 7.75 15.48 2.35
CA LYS A 38 8.73 14.58 2.94
C LYS A 38 8.26 14.04 4.29
N GLU A 39 7.75 14.92 5.13
CA GLU A 39 7.27 14.52 6.45
C GLU A 39 6.16 13.47 6.37
N HIS A 40 5.30 13.60 5.36
CA HIS A 40 4.19 12.67 5.18
C HIS A 40 4.68 11.33 4.67
N ARG A 41 5.59 11.38 3.72
CA ARG A 41 6.13 10.16 3.13
C ARG A 41 6.90 9.36 4.17
N ASN A 42 7.68 10.06 4.99
CA ASN A 42 8.43 9.44 6.07
C ASN A 42 7.55 8.78 7.11
N GLU A 43 6.44 9.43 7.45
CA GLU A 43 5.50 8.88 8.41
C GLU A 43 4.84 7.60 7.89
N ILE A 44 4.39 7.63 6.63
CA ILE A 44 3.82 6.44 6.02
C ILE A 44 4.82 5.27 6.07
N LEU A 45 6.05 5.52 5.61
CA LEU A 45 7.09 4.48 5.64
C LEU A 45 7.35 4.00 7.05
N SER A 46 7.38 4.94 7.99
CA SER A 46 7.71 4.63 9.38
C SER A 46 6.72 3.63 9.96
N LYS A 47 5.44 3.87 9.72
CA LYS A 47 4.41 3.01 10.29
C LYS A 47 4.34 1.65 9.59
N ILE A 48 4.51 1.64 8.27
CA ILE A 48 4.61 0.38 7.53
C ILE A 48 5.79 -0.46 8.01
N ASN A 49 6.96 0.15 8.11
CA ASN A 49 8.12 -0.59 8.57
C ASN A 49 8.05 -0.99 10.06
N ASP A 50 7.42 -0.15 10.89
CA ASP A 50 7.18 -0.53 12.27
C ASP A 50 6.37 -1.81 12.36
N VAL A 51 5.26 -1.91 11.61
CA VAL A 51 4.40 -3.08 11.73
C VAL A 51 5.08 -4.31 11.15
N ARG A 52 5.78 -4.16 10.04
CA ARG A 52 6.57 -5.26 9.48
C ARG A 52 7.58 -5.79 10.51
N ASP A 53 8.30 -4.89 11.15
CA ASP A 53 9.33 -5.31 12.09
C ASP A 53 8.68 -6.04 13.27
N HIS A 54 7.50 -5.56 13.66
CA HIS A 54 6.81 -6.10 14.82
C HIS A 54 6.24 -7.47 14.52
N VAL A 55 5.62 -7.60 13.36
CA VAL A 55 5.08 -8.89 12.97
C VAL A 55 6.20 -9.89 12.70
N ALA A 56 7.30 -9.40 12.13
CA ALA A 56 8.40 -10.27 11.74
C ALA A 56 8.98 -11.05 12.90
N LYS A 57 8.88 -10.48 14.11
CA LYS A 57 9.38 -11.10 15.35
C LYS A 57 8.50 -12.23 15.80
N GLY A 58 7.40 -12.45 15.09
CA GLY A 58 6.40 -13.40 15.52
C GLY A 58 5.50 -12.81 16.59
N SER A 59 5.06 -11.57 16.38
CA SER A 59 4.14 -10.91 17.32
C SER A 59 2.70 -11.21 16.96
N TRP A 60 1.79 -10.90 17.89
CA TRP A 60 0.36 -11.00 17.63
C TRP A 60 -0.08 -12.44 17.39
N GLY A 61 0.76 -13.39 17.79
CA GLY A 61 0.47 -14.80 17.58
C GLY A 61 0.79 -15.24 16.17
N LEU A 62 1.13 -14.28 15.32
CA LEU A 62 1.50 -14.57 13.95
C LEU A 62 2.89 -15.18 13.90
N PRO A 63 3.21 -15.88 12.81
CA PRO A 63 4.51 -16.56 12.68
C PRO A 63 5.67 -15.59 12.50
N VAL A 64 6.88 -16.06 12.85
CA VAL A 64 8.11 -15.32 12.58
C VAL A 64 8.36 -15.26 11.07
N ALA A 65 8.76 -14.09 10.58
CA ALA A 65 8.99 -13.92 9.14
C ALA A 65 10.44 -14.14 8.76
N ALA A 66 10.64 -15.01 7.77
CA ALA A 66 11.98 -15.41 7.30
C ALA A 66 12.75 -14.36 6.49
N ARG A 67 12.05 -13.56 5.70
CA ARG A 67 12.73 -12.64 4.79
C ARG A 67 11.83 -11.46 4.42
N MET A 68 11.48 -10.67 5.43
CA MET A 68 10.64 -9.48 5.26
CA MET A 68 10.65 -9.49 5.22
C MET A 68 11.54 -8.25 5.10
N LYS A 69 11.49 -7.59 3.96
CA LYS A 69 12.39 -6.46 3.68
C LYS A 69 11.87 -5.10 4.19
N VAL A 70 12.79 -4.20 4.56
CA VAL A 70 12.41 -2.80 4.80
C VAL A 70 11.86 -2.20 3.50
N VAL A 71 10.76 -1.49 3.61
CA VAL A 71 10.08 -0.90 2.44
C VAL A 71 10.59 0.51 2.16
N VAL A 72 10.74 0.85 0.89
CA VAL A 72 11.11 2.22 0.51
C VAL A 72 9.97 2.94 -0.20
N TRP A 73 10.07 4.27 -0.29
CA TRP A 73 9.09 5.07 -1.01
C TRP A 73 9.42 5.04 -2.49
N ASP A 74 8.40 4.87 -3.32
CA ASP A 74 8.61 4.87 -4.76
C ASP A 74 7.83 5.99 -5.42
N ALA A 75 8.55 6.88 -6.07
CA ALA A 75 7.93 8.07 -6.63
C ALA A 75 6.97 7.72 -7.76
N GLU A 76 7.32 6.72 -8.57
CA GLU A 76 6.43 6.33 -9.65
C GLU A 76 5.10 5.77 -9.14
N LEU A 77 5.17 4.86 -8.17
CA LEU A 77 3.94 4.35 -7.54
C LEU A 77 3.13 5.49 -6.93
N ALA A 78 3.80 6.43 -6.30
CA ALA A 78 3.12 7.55 -5.67
C ALA A 78 2.41 8.42 -6.70
N GLY A 79 3.06 8.62 -7.84
CA GLY A 79 2.49 9.44 -8.91
C GLY A 79 1.22 8.80 -9.45
N LEU A 80 1.25 7.48 -9.61
CA LEU A 80 0.07 6.78 -10.10
C LEU A 80 -1.04 6.78 -9.06
N ALA A 81 -0.68 6.69 -7.78
CA ALA A 81 -1.66 6.74 -6.71
C ALA A 81 -2.32 8.11 -6.70
N LYS A 82 -1.50 9.16 -6.82
CA LYS A 82 -2.03 10.52 -6.85
C LYS A 82 -3.04 10.69 -8.00
N ARG A 83 -2.68 10.20 -9.18
CA ARG A 83 -3.56 10.30 -10.33
C ARG A 83 -4.88 9.59 -10.07
N HIS A 84 -4.81 8.42 -9.43
CA HIS A 84 -5.98 7.64 -9.08
C HIS A 84 -6.91 8.47 -8.19
N THR A 85 -6.35 9.16 -7.21
CA THR A 85 -7.20 9.89 -6.26
C THR A 85 -8.01 10.99 -6.93
N LYS A 86 -7.55 11.47 -8.08
CA LYS A 86 -8.27 12.52 -8.80
C LYS A 86 -9.63 12.04 -9.30
N GLY A 87 -9.84 10.73 -9.34
CA GLY A 87 -11.14 10.20 -9.70
C GLY A 87 -12.13 10.18 -8.54
N CYS A 88 -11.62 10.35 -7.32
CA CYS A 88 -12.45 10.42 -6.10
C CYS A 88 -13.27 9.16 -5.87
N VAL A 89 -12.81 8.05 -6.44
CA VAL A 89 -13.47 6.76 -6.32
C VAL A 89 -12.45 5.70 -5.93
N GLY A 90 -12.73 4.95 -4.86
CA GLY A 90 -11.79 3.95 -4.39
C GLY A 90 -11.44 2.83 -5.36
N GLU A 91 -12.44 2.07 -5.76
CA GLU A 91 -12.14 0.91 -6.59
C GLU A 91 -12.53 1.17 -8.03
N THR A 92 -11.57 0.97 -8.93
CA THR A 92 -11.82 1.11 -10.36
C THR A 92 -11.20 -0.10 -11.07
N HIS A 93 -11.42 -0.20 -12.38
CA HIS A 93 -10.78 -1.28 -13.13
C HIS A 93 -9.60 -0.80 -13.99
N ALA A 94 -9.03 0.33 -13.63
CA ALA A 94 -7.86 0.84 -14.35
C ALA A 94 -6.67 -0.07 -14.11
N CYS A 95 -5.83 -0.21 -15.13
CA CYS A 95 -4.53 -0.81 -14.93
C CYS A 95 -3.59 0.19 -14.27
N ARG A 96 -2.63 -0.33 -13.52
CA ARG A 96 -1.70 0.54 -12.81
C ARG A 96 -0.31 -0.08 -12.79
N ASN A 97 -0.06 -0.97 -13.75
CA ASN A 97 1.26 -1.59 -13.87
C ASN A 97 2.39 -0.62 -14.26
N THR A 98 3.62 -0.99 -13.91
CA THR A 98 4.78 -0.20 -14.31
C THR A 98 5.80 -1.18 -14.84
N GLU A 99 6.89 -0.65 -15.39
CA GLU A 99 7.91 -1.55 -15.92
C GLU A 99 8.61 -2.35 -14.84
N ARG A 100 8.76 -1.77 -13.66
CA ARG A 100 9.42 -2.48 -12.56
C ARG A 100 8.47 -3.34 -11.74
N PHE A 101 7.24 -2.87 -11.60
CA PHE A 101 6.26 -3.54 -10.74
C PHE A 101 5.05 -3.92 -11.56
N TRP A 102 4.95 -5.21 -11.87
CA TRP A 102 4.01 -5.66 -12.88
C TRP A 102 2.56 -5.75 -12.42
N LEU A 103 2.35 -5.97 -11.12
CA LEU A 103 1.01 -6.13 -10.58
C LEU A 103 0.97 -5.44 -9.22
N PRO A 104 1.03 -4.09 -9.20
CA PRO A 104 1.07 -3.39 -7.92
C PRO A 104 -0.20 -3.61 -7.09
N GLY A 105 -0.04 -3.76 -5.77
CA GLY A 105 -1.17 -3.79 -4.87
C GLY A 105 -1.67 -2.37 -4.64
N GLN A 106 -2.89 -2.26 -4.13
CA GLN A 106 -3.45 -0.94 -3.90
C GLN A 106 -4.40 -0.94 -2.71
N LEU A 107 -4.19 0.03 -1.83
CA LEU A 107 -5.11 0.26 -0.73
C LEU A 107 -5.76 1.63 -0.89
N ASN A 108 -7.03 1.71 -0.53
CA ASN A 108 -7.77 2.95 -0.60
C ASN A 108 -8.42 3.28 0.74
N PHE A 109 -8.10 4.46 1.26
CA PHE A 109 -8.63 4.92 2.54
C PHE A 109 -9.57 6.09 2.29
N LYS A 110 -10.83 5.93 2.66
CA LYS A 110 -11.84 6.97 2.43
C LYS A 110 -12.13 7.71 3.71
N TYR A 111 -12.39 9.01 3.59
CA TYR A 111 -12.82 9.81 4.72
C TYR A 111 -14.05 10.63 4.36
N SER A 112 -14.95 10.74 5.33
CA SER A 112 -16.11 11.63 5.22
CA SER A 112 -16.12 11.61 5.22
C SER A 112 -16.45 12.16 6.60
N GLY A 113 -16.58 13.48 6.71
CA GLY A 113 -16.84 14.10 7.99
C GLY A 113 -17.22 15.57 7.85
N ASP A 114 -17.70 16.17 8.94
CA ASP A 114 -18.10 17.57 8.88
C ASP A 114 -16.92 18.50 8.61
N LYS A 115 -15.77 18.19 9.20
CA LYS A 115 -14.56 19.00 9.00
C LYS A 115 -13.50 18.18 8.29
N LEU A 116 -12.61 18.83 7.55
CA LEU A 116 -11.52 18.10 6.90
C LEU A 116 -10.30 18.09 7.81
N PRO A 117 -9.80 16.89 8.12
CA PRO A 117 -8.61 16.83 8.97
C PRO A 117 -7.37 17.25 8.21
N ARG A 118 -6.33 17.62 8.94
CA ARG A 118 -5.03 17.87 8.32
C ARG A 118 -4.56 16.59 7.65
N ILE A 119 -3.66 16.73 6.69
CA ILE A 119 -3.09 15.58 5.99
C ILE A 119 -2.54 14.55 6.98
N LYS A 120 -1.86 15.00 8.02
CA LYS A 120 -1.31 14.09 9.01
C LYS A 120 -2.38 13.29 9.74
N GLU A 121 -3.55 13.89 9.97
CA GLU A 121 -4.64 13.19 10.63
C GLU A 121 -5.27 12.17 9.68
N LEU A 122 -5.31 12.49 8.39
CA LEU A 122 -5.78 11.53 7.39
C LEU A 122 -4.88 10.31 7.35
N ILE A 123 -3.57 10.54 7.41
CA ILE A 123 -2.62 9.45 7.45
C ILE A 123 -2.76 8.64 8.74
N ASP A 124 -2.89 9.33 9.87
CA ASP A 124 -3.08 8.66 11.16
C ASP A 124 -4.33 7.77 11.15
N ASP A 125 -5.38 8.26 10.52
CA ASP A 125 -6.65 7.54 10.43
C ASP A 125 -6.51 6.24 9.63
N ALA A 126 -5.74 6.30 8.56
CA ALA A 126 -5.45 5.13 7.74
C ALA A 126 -4.62 4.11 8.53
N VAL A 127 -3.58 4.59 9.21
CA VAL A 127 -2.76 3.74 10.06
C VAL A 127 -3.59 3.03 11.11
N LYS A 128 -4.42 3.79 11.83
CA LYS A 128 -5.29 3.25 12.86
C LYS A 128 -6.17 2.12 12.31
N LYS A 129 -6.77 2.37 11.16
CA LYS A 129 -7.59 1.36 10.48
C LYS A 129 -6.83 0.07 10.24
N GLY A 130 -5.62 0.18 9.67
CA GLY A 130 -4.79 -0.99 9.47
C GLY A 130 -4.43 -1.66 10.77
N HIS A 131 -4.03 -0.86 11.76
CA HIS A 131 -3.62 -1.40 13.04
C HIS A 131 -4.75 -2.22 13.67
N LEU A 132 -5.97 -1.68 13.61
CA LEU A 132 -7.12 -2.34 14.23
C LEU A 132 -7.46 -3.69 13.58
N GLN A 133 -6.85 -3.98 12.43
CA GLN A 133 -7.08 -5.25 11.75
C GLN A 133 -6.31 -6.40 12.40
N LYS A 134 -5.45 -6.07 13.36
CA LYS A 134 -4.68 -7.08 14.07
C LYS A 134 -5.61 -8.06 14.77
N HIS A 135 -6.87 -7.65 14.95
CA HIS A 135 -7.86 -8.49 15.60
C HIS A 135 -8.55 -9.41 14.60
N ASN A 136 -8.24 -9.25 13.31
CA ASN A 136 -8.86 -10.03 12.26
C ASN A 136 -7.89 -10.99 11.58
N ILE A 137 -6.62 -10.63 11.53
CA ILE A 137 -5.61 -11.45 10.85
C ILE A 137 -5.20 -12.64 11.70
N THR A 138 -4.95 -13.76 11.04
CA THR A 138 -4.66 -15.01 11.75
C THR A 138 -3.49 -15.73 11.10
N ARG A 139 -2.96 -16.72 11.81
CA ARG A 139 -1.86 -17.53 11.29
C ARG A 139 -2.31 -18.20 10.00
N GLU A 140 -3.59 -18.58 9.98
CA GLU A 140 -4.21 -19.19 8.80
C GLU A 140 -4.19 -18.25 7.59
N ILE A 141 -4.56 -16.99 7.82
CA ILE A 141 -4.53 -15.99 6.74
C ILE A 141 -3.10 -15.82 6.22
N ILE A 142 -2.15 -15.77 7.14
CA ILE A 142 -0.75 -15.63 6.76
C ILE A 142 -0.26 -16.83 5.95
N GLU A 143 -0.71 -18.03 6.32
CA GLU A 143 -0.28 -19.24 5.63
C GLU A 143 -0.95 -19.37 4.26
N ASN A 144 -2.18 -18.87 4.16
CA ASN A 144 -2.96 -19.01 2.94
C ASN A 144 -3.89 -17.81 2.77
N TYR A 145 -3.44 -16.83 2.00
CA TYR A 145 -4.14 -15.57 1.91
C TYR A 145 -5.58 -15.72 1.43
N ARG A 146 -6.50 -15.19 2.24
CA ARG A 146 -7.91 -15.12 1.89
C ARG A 146 -8.40 -13.75 2.34
N GLU A 147 -9.15 -13.09 1.46
CA GLU A 147 -9.46 -11.69 1.65
C GLU A 147 -10.91 -11.47 2.07
N GLY A 152 -13.21 -10.10 10.17
CA GLY A 152 -13.54 -8.97 9.31
C GLY A 152 -12.46 -8.72 8.26
N ASP A 153 -12.27 -7.45 7.92
CA ASP A 153 -11.33 -7.08 6.87
C ASP A 153 -9.87 -7.30 7.28
N VAL A 154 -9.04 -7.66 6.31
CA VAL A 154 -7.62 -7.86 6.58
C VAL A 154 -6.75 -7.38 5.43
N LYS A 155 -7.36 -6.92 4.35
CA LYS A 155 -6.60 -6.55 3.15
C LYS A 155 -5.49 -5.54 3.40
N GLU A 156 -5.82 -4.49 4.15
CA GLU A 156 -4.90 -3.37 4.34
C GLU A 156 -3.69 -3.79 5.17
N LEU A 157 -3.95 -4.33 6.36
CA LEU A 157 -2.85 -4.79 7.19
C LEU A 157 -2.07 -5.90 6.50
N ALA A 158 -2.77 -6.83 5.85
CA ALA A 158 -2.08 -7.96 5.22
C ALA A 158 -1.13 -7.50 4.10
N LEU A 159 -1.52 -6.48 3.34
CA LEU A 159 -0.63 -6.02 2.28
C LEU A 159 0.62 -5.37 2.87
N ALA A 160 0.44 -4.61 3.96
CA ALA A 160 1.55 -3.96 4.63
C ALA A 160 2.63 -4.95 5.10
N ILE A 161 2.25 -6.19 5.36
CA ILE A 161 3.20 -7.17 5.87
C ILE A 161 3.50 -8.30 4.88
N SER A 162 3.21 -8.06 3.60
CA SER A 162 3.62 -9.02 2.57
C SER A 162 5.13 -9.00 2.39
N ASP A 163 5.77 -10.16 2.38
CA ASP A 163 7.21 -10.18 2.17
C ASP A 163 7.61 -10.16 0.69
N ARG A 164 6.62 -10.00 -0.19
CA ARG A 164 6.92 -9.70 -1.60
C ARG A 164 6.98 -8.18 -1.83
N VAL A 165 6.39 -7.41 -0.92
CA VAL A 165 6.36 -5.97 -1.03
C VAL A 165 7.72 -5.36 -0.74
N THR A 166 8.15 -4.47 -1.62
CA THR A 166 9.46 -3.86 -1.50
C THR A 166 9.41 -2.34 -1.47
N ALA A 167 8.27 -1.79 -1.91
CA ALA A 167 8.12 -0.34 -2.09
C ALA A 167 6.67 0.07 -2.01
N VAL A 168 6.44 1.35 -1.70
CA VAL A 168 5.10 1.90 -1.59
C VAL A 168 5.13 3.36 -2.03
N GLY A 169 4.00 3.82 -2.57
CA GLY A 169 3.89 5.24 -2.91
C GLY A 169 2.43 5.62 -2.84
N CYS A 170 2.13 6.75 -2.22
CA CYS A 170 0.74 7.16 -1.99
C CYS A 170 0.43 8.54 -2.56
N GLY A 171 -0.87 8.81 -2.69
CA GLY A 171 -1.35 10.11 -3.13
C GLY A 171 -2.66 10.44 -2.44
N LEU A 172 -3.11 11.68 -2.56
CA LEU A 172 -4.25 12.14 -1.78
C LEU A 172 -5.01 13.26 -2.51
N THR A 173 -6.33 13.11 -2.59
CA THR A 173 -7.18 14.20 -3.04
C THR A 173 -8.29 14.41 -2.01
N THR A 174 -8.62 15.67 -1.73
CA THR A 174 -9.71 15.99 -0.82
C THR A 174 -10.74 16.86 -1.55
N TRP A 175 -11.98 16.84 -1.08
CA TRP A 175 -13.05 17.53 -1.77
C TRP A 175 -14.26 17.69 -0.86
N GLU A 176 -15.33 18.27 -1.41
CA GLU A 176 -16.55 18.51 -0.67
C GLU A 176 -17.74 17.99 -1.48
N ASP A 177 -18.55 17.15 -0.85
CA ASP A 177 -19.81 16.73 -1.47
C ASP A 177 -20.74 16.13 -0.44
N GLY A 178 -22.03 16.29 -0.66
CA GLY A 178 -23.03 15.75 0.24
C GLY A 178 -22.97 16.35 1.62
N ALA A 179 -22.55 17.61 1.69
CA ALA A 179 -22.44 18.33 2.95
C ALA A 179 -21.35 17.76 3.85
N LYS A 180 -20.38 17.09 3.24
CA LYS A 180 -19.25 16.54 3.99
C LYS A 180 -17.93 16.91 3.34
N ALA A 181 -16.90 17.06 4.16
CA ALA A 181 -15.54 17.05 3.68
C ALA A 181 -15.18 15.60 3.42
N ARG A 182 -14.51 15.35 2.29
CA ARG A 182 -14.17 13.99 1.90
C ARG A 182 -12.72 13.88 1.48
N ALA A 183 -12.18 12.67 1.57
CA ALA A 183 -10.81 12.43 1.14
C ALA A 183 -10.67 11.04 0.61
N LEU A 184 -9.73 10.86 -0.30
CA LEU A 184 -9.34 9.54 -0.75
C LEU A 184 -7.82 9.51 -0.72
N LEU A 185 -7.29 8.67 0.17
CA LEU A 185 -5.85 8.44 0.31
C LEU A 185 -5.54 7.09 -0.28
N THR A 186 -4.73 7.06 -1.34
CA THR A 186 -4.52 5.80 -2.04
C THR A 186 -3.04 5.43 -1.93
N CYS A 187 -2.76 4.20 -1.54
CA CYS A 187 -1.37 3.73 -1.54
C CYS A 187 -1.16 2.56 -2.49
N ASN A 188 -0.25 2.72 -3.43
CA ASN A 188 0.16 1.62 -4.30
C ASN A 188 1.42 0.95 -3.77
N PHE A 189 1.45 -0.37 -3.81
CA PHE A 189 2.57 -1.16 -3.32
C PHE A 189 3.21 -1.92 -4.49
N SER A 190 4.46 -2.32 -4.33
CA SER A 190 5.17 -2.94 -5.44
C SER A 190 4.59 -4.28 -5.83
N SER A 191 3.86 -4.91 -4.90
CA SER A 191 3.30 -6.23 -5.10
CA SER A 191 3.31 -6.24 -5.08
C SER A 191 1.93 -6.32 -4.44
N GLN A 192 1.30 -7.47 -4.59
CA GLN A 192 -0.03 -7.73 -4.06
C GLN A 192 0.10 -9.05 -3.30
N ASN A 193 -0.77 -9.28 -2.31
CA ASN A 193 -0.94 -10.66 -1.83
C ASN A 193 -1.69 -11.48 -2.87
N THR A 194 -1.34 -12.77 -2.93
CA THR A 194 -1.95 -13.67 -3.90
C THR A 194 -2.86 -14.66 -3.20
N ARG A 195 -4.13 -14.69 -3.60
CA ARG A 195 -5.10 -15.61 -3.05
C ARG A 195 -4.57 -17.05 -3.07
N GLY A 196 -4.60 -17.68 -1.91
CA GLY A 196 -4.19 -19.08 -1.80
C GLY A 196 -2.71 -19.27 -1.50
N ARG A 197 -1.96 -18.18 -1.43
CA ARG A 197 -0.53 -18.24 -1.14
C ARG A 197 -0.22 -17.51 0.16
N PRO A 198 0.89 -17.86 0.80
CA PRO A 198 1.29 -17.22 2.07
C PRO A 198 1.49 -15.72 1.91
N VAL A 199 1.09 -14.95 2.91
CA VAL A 199 1.37 -13.51 2.96
C VAL A 199 2.88 -13.30 3.09
N TYR A 200 3.49 -14.07 3.98
CA TYR A 200 4.94 -14.08 4.11
C TYR A 200 5.44 -15.47 4.49
N LYS A 201 6.70 -15.73 4.20
CA LYS A 201 7.32 -17.02 4.47
C LYS A 201 7.76 -17.11 5.93
N ILE A 202 7.44 -18.24 6.55
CA ILE A 202 7.73 -18.46 7.95
C ILE A 202 9.20 -18.76 8.19
N GLY A 203 9.72 -18.25 9.29
CA GLY A 203 11.06 -18.58 9.73
C GLY A 203 11.07 -19.08 11.16
N ASN A 204 12.16 -19.76 11.54
CA ASN A 204 12.37 -20.12 12.93
C ASN A 204 12.90 -18.93 13.72
N SER A 205 13.60 -18.04 13.02
CA SER A 205 14.09 -16.79 13.59
C SER A 205 13.82 -15.67 12.61
N PRO A 206 13.59 -14.45 13.14
CA PRO A 206 13.31 -13.27 12.31
C PRO A 206 14.46 -12.98 11.35
N GLY A 207 14.14 -12.92 10.06
CA GLY A 207 15.14 -12.58 9.06
C GLY A 207 16.16 -13.68 8.85
N GLU A 208 15.79 -14.90 9.21
CA GLU A 208 16.70 -16.03 9.09
C GLU A 208 17.12 -16.30 7.65
N LYS A 209 16.39 -15.75 6.67
CA LYS A 209 16.78 -15.92 5.27
C LYS A 209 17.20 -14.63 4.56
N CYS A 210 17.37 -13.55 5.32
CA CYS A 210 17.92 -12.32 4.74
C CYS A 210 19.40 -12.49 4.42
N ILE A 211 19.81 -12.00 3.25
CA ILE A 211 21.23 -11.90 2.93
C ILE A 211 21.85 -10.94 3.93
N GLU A 212 21.11 -9.89 4.26
CA GLU A 212 21.54 -8.93 5.26
C GLU A 212 20.36 -8.33 6.01
N LYS A 213 20.43 -8.37 7.34
CA LYS A 213 19.40 -7.77 8.17
C LYS A 213 19.65 -6.28 8.35
N ASP A 214 18.57 -5.53 8.48
CA ASP A 214 18.65 -4.09 8.69
C ASP A 214 19.15 -3.79 10.11
N GLU A 215 19.85 -2.67 10.27
CA GLU A 215 20.34 -2.26 11.58
C GLU A 215 19.29 -1.51 12.41
N THR A 216 18.29 -0.95 11.75
CA THR A 216 17.27 -0.15 12.42
C THR A 216 16.02 -0.96 12.73
N TYR A 217 15.51 -1.61 11.70
CA TYR A 217 14.42 -2.57 11.85
C TYR A 217 15.06 -3.94 11.90
N LYS A 218 15.44 -4.36 13.11
CA LYS A 218 16.35 -5.48 13.27
C LYS A 218 15.80 -6.83 12.84
N ASN A 219 14.49 -6.92 12.68
CA ASN A 219 13.87 -8.17 12.27
C ASN A 219 13.63 -8.25 10.76
N LEU A 220 13.95 -7.18 10.06
CA LEU A 220 13.75 -7.10 8.61
C LEU A 220 15.07 -7.17 7.84
N CYS A 221 14.98 -7.49 6.56
CA CYS A 221 16.13 -7.45 5.66
C CYS A 221 16.43 -6.00 5.30
N SER A 222 17.68 -5.69 5.00
CA SER A 222 18.06 -4.33 4.64
C SER A 222 17.52 -3.93 3.27
N ALA A 223 17.63 -2.65 2.94
CA ALA A 223 17.02 -2.10 1.71
C ALA A 223 17.59 -2.68 0.41
N THR A 224 18.74 -3.32 0.48
CA THR A 224 19.34 -3.88 -0.73
C THR A 224 19.02 -5.36 -0.94
N GLU A 225 18.14 -5.90 -0.09
CA GLU A 225 17.80 -7.31 -0.21
C GLU A 225 17.14 -7.50 -1.57
N PRO A 226 17.68 -8.44 -2.37
CA PRO A 226 17.23 -8.66 -3.76
C PRO A 226 15.91 -9.39 -3.86
N ILE A 227 14.88 -8.89 -3.18
CA ILE A 227 13.56 -9.51 -3.26
C ILE A 227 12.90 -9.13 -4.58
N ASP A 228 12.37 -10.13 -5.27
CA ASP A 228 11.67 -9.89 -6.52
C ASP A 228 10.20 -9.59 -6.26
N PRO A 229 9.79 -8.34 -6.44
CA PRO A 229 8.39 -7.99 -6.17
C PRO A 229 7.42 -8.58 -7.16
N ASN A 230 7.93 -9.08 -8.29
CA ASN A 230 7.06 -9.63 -9.32
C ASN A 230 6.84 -11.13 -9.21
N LYS A 231 7.40 -11.73 -8.16
CA LYS A 231 7.13 -13.15 -7.87
C LYS A 231 6.26 -13.22 -6.64
N SER A 232 5.39 -14.22 -6.59
CA SER A 232 4.58 -14.46 -5.40
C SER A 232 5.22 -15.54 -4.53
N ASN A 233 4.65 -15.74 -3.35
CA ASN A 233 4.98 -16.91 -2.55
C ASN A 233 4.19 -18.12 -3.04
PR PR B . 7.76 18.25 -3.94
C1 CIT C . 11.82 17.19 -0.83
O1 CIT C . 12.68 16.66 -0.09
O2 CIT C . 11.40 16.57 -1.82
C2 CIT C . 11.32 18.58 -0.53
C3 CIT C . 9.94 18.82 -1.15
O7 CIT C . 10.00 18.68 -2.61
C4 CIT C . 9.56 20.25 -0.77
C5 CIT C . 8.44 20.81 -1.60
O3 CIT C . 7.95 21.92 -1.30
O4 CIT C . 7.96 20.20 -2.60
C6 CIT C . 8.93 17.85 -0.58
O5 CIT C . 8.83 17.66 0.65
O6 CIT C . 8.15 17.25 -1.35
C1 CIT D . 9.24 15.17 -4.85
O1 CIT D . 10.36 14.69 -5.12
O2 CIT D . 9.19 16.33 -4.36
C2 CIT D . 7.98 14.38 -5.12
C3 CIT D . 6.77 15.27 -5.29
O7 CIT D . 6.62 16.11 -4.11
C4 CIT D . 5.55 14.37 -5.52
C5 CIT D . 4.29 15.15 -5.81
O3 CIT D . 4.11 16.31 -5.35
O4 CIT D . 3.38 14.65 -6.52
C6 CIT D . 6.95 16.16 -6.53
O5 CIT D . 6.90 15.67 -7.68
O6 CIT D . 7.17 17.38 -6.39
C1 PLM E . 2.92 -2.43 17.70
O1 PLM E . 2.02 -2.96 18.39
O2 PLM E . 3.80 -1.74 18.27
C2 PLM E . 2.95 -2.60 16.20
C3 PLM E . 3.38 -1.30 15.55
C4 PLM E . 2.77 -1.17 14.15
C5 PLM E . 1.69 -0.10 14.11
C6 PLM E . 1.58 0.50 12.71
C7 PLM E . 0.35 -0.05 11.99
C8 PLM E . 0.45 0.17 10.49
C9 PLM E . -0.72 -0.50 9.78
CA PLM E . -0.47 -0.62 8.29
CB PLM E . -0.57 0.73 7.58
CC PLM E . -1.58 0.67 6.44
CD PLM E . -0.98 1.17 5.13
CE PLM E . -0.41 2.59 5.24
CF PLM E . -1.43 3.57 5.80
CG PLM E . -1.13 5.00 5.34
#